data_1GUT
#
_entry.id   1GUT
#
_cell.length_a   78.961
_cell.length_b   82.328
_cell.length_c   57.031
_cell.angle_alpha   90.00
_cell.angle_beta   93.44
_cell.angle_gamma   90.00
#
_symmetry.space_group_name_H-M   'C 1 2 1'
#
loop_
_entity.id
_entity.type
_entity.pdbx_description
1 polymer 'MOLYBDATE BINDING PROTEIN II'
2 non-polymer 'CHLORIDE ION'
3 non-polymer 'MAGNESIUM ION'
4 water water
#
_entity_poly.entity_id   1
_entity_poly.type   'polypeptide(L)'
_entity_poly.pdbx_seq_one_letter_code
;MSISARNQLKGKVVGLKKGVVTAEVVLEIAGGNKITSIISLDSVEELGVKEGAELTAVVKSTDVMILA
;
_entity_poly.pdbx_strand_id   A,B,C,D,E,F
#
loop_
_chem_comp.id
_chem_comp.type
_chem_comp.name
_chem_comp.formula
CL non-polymer 'CHLORIDE ION' 'Cl -1'
MG non-polymer 'MAGNESIUM ION' 'Mg 2'
#
# COMPACT_ATOMS: atom_id res chain seq x y z
N SER A 2 -23.11 -0.72 3.52
CA SER A 2 -22.91 0.01 2.22
C SER A 2 -21.85 1.11 2.35
N ILE A 3 -20.90 1.14 1.42
CA ILE A 3 -19.86 2.18 1.44
C ILE A 3 -19.74 2.84 0.07
N SER A 4 -19.02 3.96 0.02
CA SER A 4 -18.87 4.74 -1.22
C SER A 4 -17.61 4.44 -2.03
N ALA A 5 -16.76 3.54 -1.54
CA ALA A 5 -15.52 3.23 -2.25
C ALA A 5 -15.71 2.92 -3.73
N ARG A 6 -14.84 3.47 -4.57
CA ARG A 6 -14.96 3.25 -5.99
C ARG A 6 -14.78 1.81 -6.45
N ASN A 7 -13.90 1.07 -5.79
CA ASN A 7 -13.60 -0.30 -6.20
C ASN A 7 -14.20 -1.30 -5.24
N GLN A 8 -15.27 -1.95 -5.70
CA GLN A 8 -16.02 -2.92 -4.92
C GLN A 8 -16.35 -4.06 -5.86
N LEU A 9 -15.81 -5.22 -5.53
CA LEU A 9 -15.97 -6.44 -6.32
C LEU A 9 -16.65 -7.51 -5.48
N LYS A 10 -17.92 -7.81 -5.76
CA LYS A 10 -18.67 -8.81 -5.00
C LYS A 10 -18.24 -10.22 -5.41
N GLY A 11 -18.14 -11.12 -4.43
CA GLY A 11 -17.74 -12.47 -4.76
C GLY A 11 -18.10 -13.45 -3.69
N LYS A 12 -17.73 -14.70 -3.92
CA LYS A 12 -18.03 -15.77 -2.99
C LYS A 12 -16.69 -16.34 -2.53
N VAL A 13 -16.56 -16.57 -1.23
CA VAL A 13 -15.31 -17.11 -0.72
C VAL A 13 -15.14 -18.55 -1.20
N VAL A 14 -14.05 -18.82 -1.92
CA VAL A 14 -13.74 -20.16 -2.38
C VAL A 14 -12.50 -20.75 -1.73
N GLY A 15 -11.79 -19.92 -0.97
CA GLY A 15 -10.62 -20.39 -0.25
C GLY A 15 -10.36 -19.55 0.98
N LEU A 16 -9.91 -20.20 2.04
CA LEU A 16 -9.58 -19.53 3.30
C LEU A 16 -8.46 -20.31 3.96
N LYS A 17 -7.34 -19.64 4.25
CA LYS A 17 -6.21 -20.28 4.92
C LYS A 17 -5.81 -19.35 6.05
N LYS A 18 -5.89 -19.83 7.28
CA LYS A 18 -5.59 -19.03 8.43
C LYS A 18 -4.16 -19.22 8.90
N GLY A 19 -3.53 -18.09 9.19
CA GLY A 19 -2.19 -18.11 9.76
C GLY A 19 -2.30 -17.70 11.22
N VAL A 20 -1.22 -17.22 11.78
CA VAL A 20 -1.24 -16.79 13.19
C VAL A 20 -1.62 -15.32 13.33
N VAL A 21 -1.17 -14.52 12.37
CA VAL A 21 -1.42 -13.10 12.40
C VAL A 21 -2.34 -12.70 11.27
N THR A 22 -2.22 -13.38 10.13
CA THR A 22 -3.03 -13.01 8.97
C THR A 22 -3.77 -14.23 8.46
N ALA A 23 -4.60 -13.97 7.45
CA ALA A 23 -5.36 -15.01 6.80
C ALA A 23 -5.50 -14.64 5.35
N GLU A 24 -5.51 -15.67 4.51
CA GLU A 24 -5.64 -15.51 3.08
C GLU A 24 -7.05 -15.90 2.68
N VAL A 25 -7.77 -14.99 2.06
CA VAL A 25 -9.14 -15.20 1.62
C VAL A 25 -9.17 -15.12 0.09
N VAL A 26 -9.75 -16.12 -0.57
CA VAL A 26 -9.85 -16.11 -2.05
C VAL A 26 -11.33 -16.03 -2.40
N LEU A 27 -11.67 -15.03 -3.21
CA LEU A 27 -13.04 -14.82 -3.64
C LEU A 27 -13.18 -15.02 -5.13
N GLU A 28 -14.25 -15.68 -5.52
CA GLU A 28 -14.55 -15.84 -6.95
C GLU A 28 -15.50 -14.71 -7.29
N ILE A 29 -15.12 -13.84 -8.23
CA ILE A 29 -15.99 -12.72 -8.57
C ILE A 29 -16.72 -13.01 -9.87
N ALA A 30 -17.58 -12.08 -10.29
CA ALA A 30 -18.39 -12.23 -11.49
C ALA A 30 -17.53 -12.62 -12.65
N GLY A 31 -17.99 -13.61 -13.39
CA GLY A 31 -17.26 -14.13 -14.52
C GLY A 31 -16.49 -15.34 -14.07
N GLY A 32 -16.22 -15.40 -12.76
CA GLY A 32 -15.51 -16.51 -12.16
C GLY A 32 -14.06 -16.28 -11.72
N ASN A 33 -13.45 -15.15 -12.16
CA ASN A 33 -12.07 -14.70 -11.85
C ASN A 33 -11.83 -14.63 -10.34
N LYS A 34 -10.59 -14.80 -9.89
CA LYS A 34 -10.36 -14.80 -8.45
C LYS A 34 -9.65 -13.60 -7.91
N ILE A 35 -10.06 -13.19 -6.73
CA ILE A 35 -9.42 -12.09 -6.02
C ILE A 35 -8.90 -12.67 -4.72
N THR A 36 -7.63 -12.42 -4.42
CA THR A 36 -6.97 -12.91 -3.22
C THR A 36 -6.69 -11.73 -2.30
N SER A 37 -7.01 -11.92 -1.03
CA SER A 37 -6.84 -10.90 -0.01
C SER A 37 -6.10 -11.46 1.17
N ILE A 38 -5.16 -10.69 1.74
CA ILE A 38 -4.52 -11.10 2.99
C ILE A 38 -4.90 -10.06 4.02
N ILE A 39 -5.68 -10.48 5.02
CA ILE A 39 -6.17 -9.61 6.09
C ILE A 39 -5.75 -10.17 7.43
N SER A 40 -6.03 -9.43 8.50
CA SER A 40 -5.68 -9.95 9.80
C SER A 40 -6.58 -11.10 10.20
N LEU A 41 -6.05 -12.01 11.01
CA LEU A 41 -6.85 -13.13 11.49
C LEU A 41 -7.99 -12.59 12.35
N ASP A 42 -7.72 -11.52 13.10
CA ASP A 42 -8.76 -10.94 13.94
C ASP A 42 -9.98 -10.55 13.10
N SER A 43 -9.75 -10.04 11.89
CA SER A 43 -10.87 -9.63 11.05
C SER A 43 -11.65 -10.80 10.52
N VAL A 44 -10.96 -11.90 10.24
CA VAL A 44 -11.66 -13.07 9.76
C VAL A 44 -12.67 -13.48 10.80
N GLU A 45 -12.23 -13.45 12.05
CA GLU A 45 -13.06 -13.84 13.17
C GLU A 45 -14.19 -12.83 13.42
N GLU A 46 -13.84 -11.55 13.46
CA GLU A 46 -14.82 -10.52 13.72
C GLU A 46 -15.87 -10.41 12.63
N LEU A 47 -15.45 -10.52 11.36
CA LEU A 47 -16.38 -10.45 10.24
C LEU A 47 -17.04 -11.80 9.96
N GLY A 48 -16.56 -12.84 10.60
CA GLY A 48 -17.10 -14.18 10.39
C GLY A 48 -16.92 -14.70 8.97
N VAL A 49 -15.74 -14.46 8.37
CA VAL A 49 -15.42 -14.91 7.02
C VAL A 49 -15.33 -16.44 7.00
N LYS A 50 -16.05 -17.07 6.07
CA LYS A 50 -16.07 -18.53 5.98
C LYS A 50 -16.20 -18.93 4.52
N GLU A 51 -15.79 -20.16 4.20
CA GLU A 51 -15.94 -20.64 2.83
C GLU A 51 -17.40 -20.59 2.41
N GLY A 52 -17.65 -20.05 1.22
CA GLY A 52 -19.00 -19.94 0.70
C GLY A 52 -19.69 -18.62 1.00
N ALA A 53 -19.10 -17.81 1.88
CA ALA A 53 -19.72 -16.53 2.22
C ALA A 53 -19.69 -15.56 1.03
N GLU A 54 -20.74 -14.73 0.92
CA GLU A 54 -20.80 -13.71 -0.14
C GLU A 54 -20.25 -12.44 0.49
N LEU A 55 -19.11 -11.97 -0.02
CA LEU A 55 -18.44 -10.79 0.52
C LEU A 55 -17.99 -9.87 -0.60
N THR A 56 -17.43 -8.71 -0.26
CA THR A 56 -17.01 -7.76 -1.27
C THR A 56 -15.54 -7.38 -1.06
N ALA A 57 -14.76 -7.44 -2.13
CA ALA A 57 -13.36 -7.02 -2.07
C ALA A 57 -13.31 -5.52 -2.36
N VAL A 58 -12.51 -4.79 -1.61
CA VAL A 58 -12.39 -3.33 -1.79
C VAL A 58 -10.92 -2.96 -1.92
N VAL A 59 -10.60 -2.08 -2.86
CA VAL A 59 -9.19 -1.70 -3.08
C VAL A 59 -9.05 -0.20 -3.32
N LYS A 60 -8.14 0.45 -2.60
CA LYS A 60 -7.94 1.88 -2.86
C LYS A 60 -7.34 2.04 -4.26
N SER A 61 -7.77 3.06 -5.00
CA SER A 61 -7.28 3.20 -6.39
C SER A 61 -5.78 3.37 -6.53
N THR A 62 -5.17 4.04 -5.58
CA THR A 62 -3.71 4.21 -5.64
C THR A 62 -2.94 2.92 -5.46
N ASP A 63 -3.61 1.82 -5.09
CA ASP A 63 -2.88 0.55 -4.97
C ASP A 63 -3.02 -0.29 -6.22
N VAL A 64 -3.70 0.21 -7.25
CA VAL A 64 -3.87 -0.60 -8.46
C VAL A 64 -2.80 -0.28 -9.52
N MET A 65 -1.87 -1.19 -9.74
CA MET A 65 -0.86 -0.99 -10.78
C MET A 65 -1.49 -1.38 -12.11
N ILE A 66 -1.01 -0.77 -13.20
CA ILE A 66 -1.49 -1.13 -14.52
C ILE A 66 -0.28 -1.63 -15.29
N LEU A 67 -0.41 -2.82 -15.87
CA LEU A 67 0.64 -3.40 -16.70
C LEU A 67 0.02 -3.75 -18.05
N ALA A 68 0.85 -4.08 -19.03
CA ALA A 68 0.34 -4.42 -20.35
C ALA A 68 -0.71 -5.53 -20.31
N SER B 2 9.48 -9.61 -18.85
CA SER B 2 9.59 -8.21 -19.36
C SER B 2 8.35 -7.35 -19.07
N ILE B 3 8.46 -6.43 -18.13
CA ILE B 3 7.35 -5.53 -17.81
C ILE B 3 7.78 -4.07 -17.92
N SER B 4 6.80 -3.17 -17.93
CA SER B 4 7.05 -1.73 -18.09
C SER B 4 7.24 -0.95 -16.80
N ALA B 5 6.93 -1.55 -15.66
CA ALA B 5 7.06 -0.87 -14.36
C ALA B 5 8.33 -0.02 -14.20
N ARG B 6 8.15 1.19 -13.70
CA ARG B 6 9.30 2.07 -13.55
C ARG B 6 10.31 1.60 -12.51
N ASN B 7 9.84 0.95 -11.45
CA ASN B 7 10.74 0.51 -10.38
C ASN B 7 10.99 -0.98 -10.46
N GLN B 8 12.18 -1.33 -10.93
CA GLN B 8 12.62 -2.71 -11.10
C GLN B 8 14.05 -2.79 -10.63
N LEU B 9 14.26 -3.58 -9.58
CA LEU B 9 15.57 -3.72 -8.99
C LEU B 9 15.98 -5.20 -9.02
N LYS B 10 16.94 -5.53 -9.90
CA LYS B 10 17.40 -6.91 -10.06
C LYS B 10 18.29 -7.33 -8.89
N GLY B 11 18.11 -8.54 -8.40
CA GLY B 11 18.92 -8.99 -7.28
C GLY B 11 18.98 -10.49 -7.13
N LYS B 12 19.72 -10.94 -6.13
CA LYS B 12 19.88 -12.36 -5.88
C LYS B 12 19.27 -12.67 -4.54
N VAL B 13 18.48 -13.72 -4.46
CA VAL B 13 17.88 -14.06 -3.17
C VAL B 13 18.95 -14.50 -2.19
N VAL B 14 19.04 -13.81 -1.05
CA VAL B 14 20.00 -14.19 -0.02
C VAL B 14 19.30 -14.65 1.26
N GLY B 15 17.98 -14.54 1.30
CA GLY B 15 17.23 -15.00 2.45
C GLY B 15 15.82 -15.37 2.06
N LEU B 16 15.30 -16.42 2.68
CA LEU B 16 13.93 -16.86 2.45
C LEU B 16 13.41 -17.51 3.73
N LYS B 17 12.30 -16.98 4.24
CA LYS B 17 11.68 -17.51 5.46
C LYS B 17 10.22 -17.70 5.15
N LYS B 18 9.76 -18.94 5.19
CA LYS B 18 8.38 -19.25 4.88
C LYS B 18 7.49 -19.29 6.11
N GLY B 19 6.34 -18.66 5.99
CA GLY B 19 5.32 -18.68 7.03
C GLY B 19 4.19 -19.59 6.56
N VAL B 20 3.01 -19.41 7.15
CA VAL B 20 1.87 -20.21 6.77
C VAL B 20 1.11 -19.58 5.61
N VAL B 21 1.03 -18.25 5.65
CA VAL B 21 0.31 -17.51 4.63
C VAL B 21 1.25 -16.69 3.78
N THR B 22 2.32 -16.18 4.38
CA THR B 22 3.24 -15.34 3.63
C THR B 22 4.65 -15.89 3.73
N ALA B 23 5.56 -15.23 3.04
CA ALA B 23 6.97 -15.60 3.07
C ALA B 23 7.76 -14.33 2.92
N GLU B 24 8.92 -14.29 3.57
CA GLU B 24 9.80 -13.14 3.51
C GLU B 24 10.98 -13.51 2.62
N VAL B 25 11.20 -12.70 1.60
CA VAL B 25 12.26 -12.89 0.64
C VAL B 25 13.22 -11.70 0.74
N VAL B 26 14.53 -11.98 0.89
CA VAL B 26 15.52 -10.89 0.95
C VAL B 26 16.42 -11.02 -0.27
N LEU B 27 16.53 -9.92 -1.03
CA LEU B 27 17.33 -9.86 -2.25
C LEU B 27 18.51 -8.91 -2.06
N GLU B 28 19.67 -9.31 -2.54
CA GLU B 28 20.84 -8.43 -2.53
C GLU B 28 20.83 -7.76 -3.90
N ILE B 29 20.74 -6.45 -3.95
CA ILE B 29 20.72 -5.81 -5.27
C ILE B 29 22.11 -5.23 -5.55
N ALA B 30 22.25 -4.61 -6.72
CA ALA B 30 23.51 -4.03 -7.16
C ALA B 30 24.07 -3.12 -6.12
N GLY B 31 25.38 -3.25 -5.89
CA GLY B 31 26.08 -2.46 -4.90
C GLY B 31 26.09 -3.20 -3.59
N GLY B 32 25.06 -4.02 -3.38
CA GLY B 32 24.95 -4.78 -2.15
C GLY B 32 23.74 -4.50 -1.27
N ASN B 33 23.04 -3.34 -1.45
CA ASN B 33 21.79 -2.93 -0.72
C ASN B 33 20.87 -4.17 -0.61
N LYS B 34 20.14 -4.37 0.49
CA LYS B 34 19.19 -5.49 0.56
C LYS B 34 17.79 -4.96 0.42
N ILE B 35 16.95 -5.72 -0.27
CA ILE B 35 15.54 -5.39 -0.44
C ILE B 35 14.78 -6.56 0.15
N THR B 36 13.83 -6.26 1.03
CA THR B 36 13.02 -7.28 1.69
C THR B 36 11.59 -7.19 1.18
N SER B 37 11.04 -8.35 0.86
CA SER B 37 9.69 -8.45 0.33
C SER B 37 8.89 -9.46 1.13
N ILE B 38 7.62 -9.16 1.41
CA ILE B 38 6.74 -10.15 2.04
C ILE B 38 5.64 -10.42 1.03
N ILE B 39 5.63 -11.63 0.50
CA ILE B 39 4.64 -12.07 -0.50
C ILE B 39 3.90 -13.30 -0.02
N SER B 40 2.90 -13.74 -0.77
CA SER B 40 2.19 -14.92 -0.33
C SER B 40 3.03 -16.17 -0.49
N LEU B 41 2.81 -17.15 0.37
CA LEU B 41 3.52 -18.41 0.26
C LEU B 41 3.19 -19.07 -1.08
N ASP B 42 1.95 -18.92 -1.56
CA ASP B 42 1.58 -19.51 -2.83
C ASP B 42 2.48 -19.00 -3.95
N SER B 43 2.86 -17.72 -3.89
CA SER B 43 3.68 -17.16 -4.95
C SER B 43 5.09 -17.71 -4.89
N VAL B 44 5.60 -17.93 -3.69
CA VAL B 44 6.93 -18.48 -3.56
C VAL B 44 6.98 -19.77 -4.29
N GLU B 45 5.93 -20.57 -4.09
CA GLU B 45 5.83 -21.89 -4.69
C GLU B 45 5.63 -21.84 -6.19
N GLU B 46 4.71 -20.99 -6.63
CA GLU B 46 4.40 -20.87 -8.05
C GLU B 46 5.55 -20.26 -8.87
N LEU B 47 6.24 -19.27 -8.31
CA LEU B 47 7.36 -18.64 -8.99
C LEU B 47 8.66 -19.40 -8.76
N GLY B 48 8.62 -20.41 -7.89
CA GLY B 48 9.80 -21.19 -7.56
C GLY B 48 10.94 -20.40 -6.94
N VAL B 49 10.61 -19.46 -6.05
CA VAL B 49 11.58 -18.61 -5.38
C VAL B 49 12.45 -19.43 -4.41
N LYS B 50 13.75 -19.30 -4.52
CA LYS B 50 14.65 -20.03 -3.62
C LYS B 50 15.95 -19.32 -3.45
N GLU B 51 16.68 -19.68 -2.41
CA GLU B 51 17.95 -19.05 -2.15
C GLU B 51 18.88 -19.12 -3.36
N GLY B 52 19.46 -17.98 -3.72
CA GLY B 52 20.37 -17.92 -4.85
C GLY B 52 19.73 -17.53 -6.18
N ALA B 53 18.40 -17.56 -6.24
CA ALA B 53 17.71 -17.21 -7.47
C ALA B 53 17.91 -15.74 -7.87
N GLU B 54 17.99 -15.48 -9.17
CA GLU B 54 18.11 -14.09 -9.66
C GLU B 54 16.69 -13.65 -9.99
N LEU B 55 16.19 -12.67 -9.24
CA LEU B 55 14.82 -12.17 -9.39
C LEU B 55 14.82 -10.66 -9.39
N THR B 56 13.66 -10.06 -9.60
CA THR B 56 13.54 -8.62 -9.64
C THR B 56 12.48 -8.14 -8.66
N ALA B 57 12.83 -7.13 -7.87
CA ALA B 57 11.87 -6.50 -6.96
C ALA B 57 11.18 -5.36 -7.72
N VAL B 58 9.85 -5.27 -7.54
CA VAL B 58 9.05 -4.25 -8.23
C VAL B 58 8.21 -3.50 -7.19
N VAL B 59 8.17 -2.18 -7.31
CA VAL B 59 7.42 -1.37 -6.35
C VAL B 59 6.64 -0.26 -7.02
N LYS B 60 5.37 -0.15 -6.69
CA LYS B 60 4.57 0.94 -7.25
C LYS B 60 5.08 2.27 -6.69
N SER B 61 5.20 3.29 -7.54
CA SER B 61 5.77 4.58 -7.07
C SER B 61 5.05 5.24 -5.92
N THR B 62 3.74 5.10 -5.87
CA THR B 62 2.97 5.68 -4.76
C THR B 62 3.24 4.99 -3.42
N ASP B 63 3.97 3.87 -3.40
CA ASP B 63 4.29 3.19 -2.13
C ASP B 63 5.66 3.59 -1.63
N VAL B 64 6.38 4.44 -2.35
CA VAL B 64 7.72 4.83 -1.90
C VAL B 64 7.71 6.14 -1.09
N MET B 65 7.94 6.04 0.21
CA MET B 65 8.01 7.23 1.05
C MET B 65 9.40 7.83 0.89
N ILE B 66 9.51 9.13 1.08
CA ILE B 66 10.81 9.78 1.03
C ILE B 66 11.03 10.42 2.39
N LEU B 67 12.17 10.10 3.01
CA LEU B 67 12.55 10.70 4.29
C LEU B 67 13.92 11.33 4.12
N ALA B 68 14.33 12.14 5.09
CA ALA B 68 15.63 12.78 4.99
C ALA B 68 16.76 11.77 4.84
N SER C 2 13.84 11.28 15.26
CA SER C 2 12.85 12.25 14.69
C SER C 2 12.79 12.16 13.15
N ILE C 3 11.58 12.22 12.60
CA ILE C 3 11.38 12.19 11.15
C ILE C 3 10.38 13.24 10.72
N SER C 4 10.32 13.52 9.41
CA SER C 4 9.43 14.56 8.91
C SER C 4 8.04 14.12 8.45
N ALA C 5 7.81 12.81 8.38
CA ALA C 5 6.52 12.28 7.92
C ALA C 5 5.30 13.03 8.44
N ARG C 6 4.34 13.25 7.57
CA ARG C 6 3.18 13.99 8.00
C ARG C 6 2.27 13.29 9.01
N ASN C 7 2.16 11.97 8.92
CA ASN C 7 1.28 11.23 9.80
C ASN C 7 2.08 10.47 10.83
N GLN C 8 2.06 10.97 12.06
CA GLN C 8 2.78 10.38 13.18
C GLN C 8 1.83 10.41 14.35
N LEU C 9 1.52 9.22 14.86
CA LEU C 9 0.57 9.05 15.95
C LEU C 9 1.27 8.35 17.11
N LYS C 10 1.58 9.10 18.16
CA LYS C 10 2.27 8.52 19.33
C LYS C 10 1.33 7.65 20.14
N GLY C 11 1.84 6.54 20.65
CA GLY C 11 0.98 5.67 21.43
C GLY C 11 1.72 4.68 22.28
N LYS C 12 0.97 3.87 23.01
CA LYS C 12 1.57 2.88 23.89
C LYS C 12 1.16 1.51 23.42
N VAL C 13 2.11 0.59 23.33
CA VAL C 13 1.79 -0.75 22.88
C VAL C 13 0.88 -1.44 23.90
N VAL C 14 -0.32 -1.85 23.47
CA VAL C 14 -1.24 -2.56 24.36
C VAL C 14 -1.46 -4.00 23.90
N GLY C 15 -0.94 -4.34 22.73
CA GLY C 15 -1.05 -5.69 22.22
C GLY C 15 0.09 -6.05 21.31
N LEU C 16 0.54 -7.29 21.38
CA LEU C 16 1.62 -7.79 20.52
C LEU C 16 1.42 -9.28 20.29
N LYS C 17 1.32 -9.67 19.03
CA LYS C 17 1.15 -11.08 18.67
C LYS C 17 2.17 -11.38 17.59
N LYS C 18 3.07 -12.29 17.87
CA LYS C 18 4.12 -12.64 16.96
C LYS C 18 3.77 -13.86 16.11
N GLY C 19 4.01 -13.73 14.82
CA GLY C 19 3.83 -14.82 13.89
C GLY C 19 5.22 -15.31 13.49
N VAL C 20 5.33 -15.98 12.35
CA VAL C 20 6.64 -16.47 11.91
C VAL C 20 7.35 -15.45 11.04
N VAL C 21 6.58 -14.74 10.24
CA VAL C 21 7.14 -13.75 9.34
C VAL C 21 6.77 -12.36 9.79
N THR C 22 5.56 -12.19 10.31
CA THR C 22 5.08 -10.87 10.73
C THR C 22 4.67 -10.87 12.18
N ALA C 23 4.29 -9.69 12.66
CA ALA C 23 3.81 -9.50 14.01
C ALA C 23 2.79 -8.41 13.97
N GLU C 24 1.82 -8.53 14.85
CA GLU C 24 0.75 -7.58 14.97
C GLU C 24 0.97 -6.77 16.22
N VAL C 25 1.07 -5.46 16.06
CA VAL C 25 1.29 -4.51 17.14
C VAL C 25 0.07 -3.61 17.29
N VAL C 26 -0.49 -3.51 18.50
CA VAL C 26 -1.65 -2.65 18.73
C VAL C 26 -1.22 -1.54 19.67
N LEU C 27 -1.42 -0.30 19.24
CA LEU C 27 -1.06 0.88 20.02
C LEU C 27 -2.30 1.66 20.44
N GLU C 28 -2.31 2.11 21.68
CA GLU C 28 -3.39 2.97 22.16
C GLU C 28 -2.87 4.40 21.96
N ILE C 29 -3.57 5.20 21.17
CA ILE C 29 -3.09 6.56 20.92
C ILE C 29 -3.92 7.54 21.76
N ALA C 30 -3.63 8.83 21.64
CA ALA C 30 -4.30 9.89 22.40
C ALA C 30 -5.78 9.76 22.24
N GLY C 31 -6.49 9.87 23.35
CA GLY C 31 -7.93 9.73 23.35
C GLY C 31 -8.23 8.29 23.72
N GLY C 32 -7.22 7.43 23.61
CA GLY C 32 -7.35 6.04 23.96
C GLY C 32 -7.65 5.04 22.86
N ASN C 33 -7.97 5.55 21.65
CA ASN C 33 -8.28 4.68 20.49
C ASN C 33 -7.11 3.89 19.96
N LYS C 34 -7.38 2.81 19.20
CA LYS C 34 -6.30 1.93 18.80
C LYS C 34 -5.88 1.94 17.37
N ILE C 35 -4.58 1.77 17.17
CA ILE C 35 -3.97 1.67 15.86
C ILE C 35 -3.32 0.31 15.82
N THR C 36 -3.62 -0.46 14.78
CA THR C 36 -3.08 -1.79 14.59
C THR C 36 -2.10 -1.78 13.42
N SER C 37 -0.94 -2.38 13.64
CA SER C 37 0.10 -2.44 12.63
C SER C 37 0.57 -3.87 12.43
N ILE C 38 0.81 -4.28 11.18
CA ILE C 38 1.41 -5.57 10.92
C ILE C 38 2.76 -5.29 10.27
N ILE C 39 3.82 -5.66 10.98
CA ILE C 39 5.20 -5.43 10.52
C ILE C 39 5.95 -6.74 10.51
N SER C 40 7.18 -6.73 10.04
CA SER C 40 7.96 -7.96 10.05
C SER C 40 8.37 -8.33 11.46
N LEU C 41 8.50 -9.62 11.70
CA LEU C 41 8.96 -10.08 13.00
C LEU C 41 10.37 -9.57 13.24
N ASP C 42 11.19 -9.49 12.20
CA ASP C 42 12.56 -8.99 12.34
C ASP C 42 12.58 -7.60 12.95
N SER C 43 11.63 -6.75 12.55
CA SER C 43 11.55 -5.39 13.06
C SER C 43 11.16 -5.33 14.52
N VAL C 44 10.27 -6.23 14.92
CA VAL C 44 9.87 -6.25 16.31
C VAL C 44 11.10 -6.48 17.14
N GLU C 45 11.93 -7.42 16.68
CA GLU C 45 13.15 -7.79 17.36
C GLU C 45 14.20 -6.68 17.34
N GLU C 46 14.43 -6.12 16.16
CA GLU C 46 15.42 -5.05 16.01
C GLU C 46 15.04 -3.75 16.75
N LEU C 47 13.77 -3.36 16.68
CA LEU C 47 13.29 -2.15 17.36
C LEU C 47 12.97 -2.40 18.83
N GLY C 48 13.00 -3.66 19.25
CA GLY C 48 12.69 -4.01 20.63
C GLY C 48 11.26 -3.65 21.04
N VAL C 49 10.30 -3.93 20.16
CA VAL C 49 8.91 -3.65 20.43
C VAL C 49 8.36 -4.60 21.49
N LYS C 50 7.72 -4.06 22.51
CA LYS C 50 7.13 -4.88 23.58
C LYS C 50 5.95 -4.19 24.22
N GLU C 51 5.13 -4.98 24.90
CA GLU C 51 3.96 -4.42 25.57
C GLU C 51 4.37 -3.31 26.50
N GLY C 52 3.66 -2.20 26.42
CA GLY C 52 3.93 -1.05 27.26
C GLY C 52 4.87 -0.03 26.65
N ALA C 53 5.56 -0.39 25.57
CA ALA C 53 6.49 0.55 24.95
C ALA C 53 5.78 1.77 24.36
N GLU C 54 6.41 2.93 24.43
CA GLU C 54 5.88 4.16 23.83
C GLU C 54 6.51 4.25 22.45
N LEU C 55 5.69 4.17 21.41
CA LEU C 55 6.16 4.17 20.03
C LEU C 55 5.28 5.06 19.18
N THR C 56 5.61 5.23 17.91
CA THR C 56 4.83 6.09 17.04
C THR C 56 4.43 5.32 15.81
N ALA C 57 3.16 5.43 15.43
CA ALA C 57 2.64 4.83 14.20
C ALA C 57 2.84 5.86 13.08
N VAL C 58 3.26 5.39 11.91
CA VAL C 58 3.50 6.28 10.77
C VAL C 58 2.80 5.71 9.55
N VAL C 59 2.11 6.57 8.78
CA VAL C 59 1.36 6.10 7.60
C VAL C 59 1.54 7.04 6.43
N LYS C 60 1.88 6.49 5.27
CA LYS C 60 2.00 7.34 4.07
C LYS C 60 0.59 7.86 3.71
N SER C 61 0.48 9.14 3.32
CA SER C 61 -0.86 9.68 3.07
C SER C 61 -1.65 9.02 1.96
N THR C 62 -0.97 8.53 0.94
CA THR C 62 -1.67 7.81 -0.14
C THR C 62 -2.27 6.46 0.32
N ASP C 63 -1.96 6.00 1.53
CA ASP C 63 -2.56 4.74 2.03
C ASP C 63 -3.79 4.99 2.90
N VAL C 64 -4.16 6.26 3.09
CA VAL C 64 -5.32 6.56 3.94
C VAL C 64 -6.61 6.70 3.13
N MET C 65 -7.50 5.73 3.22
CA MET C 65 -8.79 5.84 2.54
C MET C 65 -9.70 6.72 3.38
N ILE C 66 -10.65 7.38 2.72
CA ILE C 66 -11.63 8.19 3.44
C ILE C 66 -13.00 7.61 3.11
N LEU C 67 -13.76 7.30 4.15
CA LEU C 67 -15.13 6.78 3.99
C LEU C 67 -16.05 7.67 4.81
N ALA C 68 -17.35 7.53 4.58
CA ALA C 68 -18.30 8.34 5.32
C ALA C 68 -18.10 8.21 6.82
N SER D 2 5.81 -15.60 -13.06
CA SER D 2 5.68 -14.24 -13.65
C SER D 2 5.83 -13.22 -12.52
N ILE D 3 4.73 -12.63 -12.06
CA ILE D 3 4.82 -11.65 -10.97
C ILE D 3 4.07 -12.17 -9.75
N SER D 4 4.56 -11.80 -8.58
CA SER D 4 3.98 -12.32 -7.36
C SER D 4 2.58 -11.82 -7.03
N ALA D 5 2.20 -10.64 -7.52
CA ALA D 5 0.88 -10.11 -7.18
C ALA D 5 -0.19 -11.10 -7.61
N ARG D 6 -0.99 -11.56 -6.65
CA ARG D 6 -1.99 -12.60 -6.96
C ARG D 6 -3.22 -12.12 -7.74
N ASN D 7 -3.45 -10.82 -7.78
CA ASN D 7 -4.60 -10.28 -8.49
C ASN D 7 -4.16 -9.63 -9.78
N GLN D 8 -4.50 -10.28 -10.89
CA GLN D 8 -4.12 -9.80 -12.22
C GLN D 8 -5.41 -9.87 -13.03
N LEU D 9 -6.05 -8.72 -13.19
CA LEU D 9 -7.35 -8.64 -13.83
C LEU D 9 -7.26 -7.96 -15.18
N LYS D 10 -7.50 -8.74 -16.22
CA LYS D 10 -7.46 -8.20 -17.58
C LYS D 10 -8.72 -7.36 -17.84
N GLY D 11 -8.52 -6.23 -18.50
CA GLY D 11 -9.67 -5.41 -18.83
C GLY D 11 -9.39 -4.41 -19.92
N LYS D 12 -10.40 -3.62 -20.23
CA LYS D 12 -10.26 -2.60 -21.26
C LYS D 12 -10.49 -1.22 -20.65
N VAL D 13 -9.76 -0.23 -21.14
CA VAL D 13 -9.90 1.13 -20.65
C VAL D 13 -11.23 1.74 -21.05
N VAL D 14 -11.98 2.18 -20.05
CA VAL D 14 -13.27 2.83 -20.28
C VAL D 14 -13.31 4.24 -19.74
N GLY D 15 -12.23 4.65 -19.07
CA GLY D 15 -12.14 6.01 -18.55
C GLY D 15 -10.68 6.38 -18.39
N LEU D 16 -10.36 7.64 -18.69
CA LEU D 16 -8.99 8.11 -18.57
C LEU D 16 -9.00 9.61 -18.31
N LYS D 17 -8.35 10.01 -17.22
CA LYS D 17 -8.24 11.41 -16.85
C LYS D 17 -6.79 11.66 -16.46
N LYS D 18 -6.10 12.54 -17.16
CA LYS D 18 -4.71 12.83 -16.89
C LYS D 18 -4.52 14.06 -16.01
N GLY D 19 -3.64 13.94 -15.04
CA GLY D 19 -3.26 15.04 -14.17
C GLY D 19 -1.87 15.48 -14.66
N VAL D 20 -1.03 16.04 -13.80
CA VAL D 20 0.34 16.40 -14.25
C VAL D 20 1.34 15.34 -13.81
N VAL D 21 1.09 14.77 -12.65
CA VAL D 21 1.96 13.75 -12.14
C VAL D 21 1.29 12.38 -12.22
N THR D 22 -0.04 12.35 -12.10
CA THR D 22 -0.72 11.05 -12.13
C THR D 22 -1.82 11.04 -13.14
N ALA D 23 -2.43 9.89 -13.27
CA ALA D 23 -3.55 9.72 -14.18
C ALA D 23 -4.50 8.74 -13.52
N GLU D 24 -5.80 8.89 -13.81
CA GLU D 24 -6.83 7.99 -13.29
C GLU D 24 -7.26 7.16 -14.50
N VAL D 25 -7.23 5.85 -14.35
CA VAL D 25 -7.58 4.95 -15.43
C VAL D 25 -8.65 4.01 -14.90
N VAL D 26 -9.73 3.87 -15.65
CA VAL D 26 -10.82 2.97 -15.26
C VAL D 26 -10.82 1.81 -16.25
N LEU D 27 -10.73 0.60 -15.72
CA LEU D 27 -10.79 -0.58 -16.56
C LEU D 27 -12.06 -1.37 -16.33
N GLU D 28 -12.66 -1.86 -17.41
CA GLU D 28 -13.82 -2.74 -17.27
C GLU D 28 -13.25 -4.14 -17.36
N ILE D 29 -13.44 -4.95 -16.33
CA ILE D 29 -12.90 -6.31 -16.35
C ILE D 29 -14.00 -7.29 -16.75
N ALA D 30 -13.70 -8.58 -16.77
CA ALA D 30 -14.73 -9.54 -17.12
C ALA D 30 -15.90 -9.48 -16.13
N GLY D 31 -17.08 -9.86 -16.60
CA GLY D 31 -18.24 -9.87 -15.71
C GLY D 31 -18.85 -8.52 -15.50
N GLY D 32 -18.28 -7.49 -16.14
CA GLY D 32 -18.80 -6.14 -16.03
C GLY D 32 -18.31 -5.29 -14.86
N ASN D 33 -17.44 -5.80 -14.02
CA ASN D 33 -16.93 -4.98 -12.92
C ASN D 33 -15.99 -3.94 -13.45
N LYS D 34 -15.88 -2.82 -12.75
CA LYS D 34 -14.93 -1.78 -13.12
C LYS D 34 -13.93 -1.65 -11.99
N ILE D 35 -12.70 -1.35 -12.37
CA ILE D 35 -11.69 -1.08 -11.36
C ILE D 35 -10.96 0.20 -11.75
N THR D 36 -10.81 1.09 -10.78
CA THR D 36 -10.18 2.38 -11.00
C THR D 36 -8.82 2.39 -10.39
N SER D 37 -7.87 2.93 -11.16
CA SER D 37 -6.48 3.01 -10.75
C SER D 37 -5.95 4.41 -10.83
N ILE D 38 -5.11 4.80 -9.87
CA ILE D 38 -4.41 6.09 -9.96
C ILE D 38 -2.95 5.70 -10.09
N ILE D 39 -2.34 6.04 -11.23
CA ILE D 39 -0.97 5.69 -11.54
C ILE D 39 -0.20 6.89 -12.03
N SER D 40 1.10 6.74 -12.22
CA SER D 40 1.85 7.88 -12.71
C SER D 40 1.55 8.16 -14.15
N LEU D 41 1.58 9.44 -14.50
CA LEU D 41 1.33 9.84 -15.86
C LEU D 41 2.39 9.21 -16.77
N ASP D 42 3.61 9.08 -16.27
CA ASP D 42 4.68 8.46 -17.05
C ASP D 42 4.34 7.03 -17.47
N SER D 43 3.67 6.28 -16.60
CA SER D 43 3.27 4.91 -16.94
C SER D 43 2.20 4.96 -18.00
N VAL D 44 1.28 5.92 -17.92
CA VAL D 44 0.23 6.05 -18.92
C VAL D 44 0.84 6.23 -20.31
N GLU D 45 1.86 7.06 -20.36
CA GLU D 45 2.49 7.36 -21.64
C GLU D 45 3.27 6.17 -22.18
N GLU D 46 3.98 5.49 -21.29
CA GLU D 46 4.79 4.33 -21.63
C GLU D 46 3.98 3.16 -22.19
N LEU D 47 2.80 2.92 -21.63
CA LEU D 47 1.92 1.84 -22.08
C LEU D 47 1.01 2.27 -23.21
N GLY D 48 0.99 3.57 -23.48
CA GLY D 48 0.14 4.12 -24.52
C GLY D 48 -1.34 4.00 -24.15
N VAL D 49 -1.67 4.17 -22.87
CA VAL D 49 -3.04 4.06 -22.39
C VAL D 49 -3.97 5.02 -23.12
N LYS D 50 -5.08 4.49 -23.60
CA LYS D 50 -6.09 5.27 -24.29
C LYS D 50 -7.37 4.43 -24.22
N GLU D 51 -8.52 5.07 -24.49
CA GLU D 51 -9.79 4.34 -24.46
C GLU D 51 -9.72 3.09 -25.32
N GLY D 52 -10.23 1.98 -24.77
CA GLY D 52 -10.25 0.71 -25.48
C GLY D 52 -9.03 -0.16 -25.26
N ALA D 53 -7.95 0.40 -24.73
CA ALA D 53 -6.75 -0.40 -24.59
C ALA D 53 -6.97 -1.56 -23.63
N GLU D 54 -6.38 -2.70 -23.99
CA GLU D 54 -6.45 -3.90 -23.16
C GLU D 54 -5.23 -3.88 -22.26
N LEU D 55 -5.48 -3.79 -20.96
CA LEU D 55 -4.40 -3.72 -19.98
C LEU D 55 -4.74 -4.65 -18.83
N THR D 56 -3.83 -4.77 -17.87
CA THR D 56 -4.07 -5.61 -16.71
C THR D 56 -3.95 -4.83 -15.40
N ALA D 57 -4.98 -4.92 -14.57
CA ALA D 57 -4.91 -4.29 -13.24
C ALA D 57 -4.22 -5.29 -12.31
N VAL D 58 -3.19 -4.85 -11.59
CA VAL D 58 -2.40 -5.73 -10.74
C VAL D 58 -2.44 -5.21 -9.31
N VAL D 59 -2.93 -6.06 -8.42
CA VAL D 59 -3.10 -5.68 -7.03
C VAL D 59 -2.53 -6.71 -6.08
N LYS D 60 -1.70 -6.23 -5.14
CA LYS D 60 -1.16 -7.12 -4.11
C LYS D 60 -2.30 -7.55 -3.16
N SER D 61 -2.23 -8.81 -2.71
CA SER D 61 -3.27 -9.33 -1.83
C SER D 61 -3.41 -8.51 -0.53
N THR D 62 -2.29 -8.00 0.00
CA THR D 62 -2.34 -7.23 1.24
C THR D 62 -3.01 -5.89 1.03
N ASP D 63 -3.32 -5.51 -0.22
CA ASP D 63 -4.06 -4.27 -0.45
C ASP D 63 -5.53 -4.50 -0.66
N VAL D 64 -5.98 -5.75 -0.57
CA VAL D 64 -7.40 -6.01 -0.76
C VAL D 64 -8.11 -6.11 0.59
N MET D 65 -9.08 -5.22 0.83
CA MET D 65 -9.87 -5.25 2.05
C MET D 65 -11.12 -6.07 1.79
N ILE D 66 -11.73 -6.59 2.85
CA ILE D 66 -12.96 -7.36 2.72
C ILE D 66 -14.07 -6.61 3.42
N LEU D 67 -15.18 -6.46 2.74
CA LEU D 67 -16.37 -5.81 3.28
C LEU D 67 -17.44 -6.89 3.43
N ALA D 68 -17.98 -7.02 4.65
CA ALA D 68 -18.97 -8.03 4.92
C ALA D 68 -20.39 -7.47 4.95
N SER E 2 -18.09 -3.31 9.59
CA SER E 2 -18.10 -4.45 8.64
C SER E 2 -16.97 -4.47 7.59
N ILE E 3 -15.92 -3.69 7.79
CA ILE E 3 -14.79 -3.72 6.84
C ILE E 3 -13.57 -4.24 7.59
N SER E 4 -12.73 -4.96 6.88
CA SER E 4 -11.58 -5.60 7.50
C SER E 4 -10.48 -4.68 7.98
N ALA E 5 -10.35 -3.50 7.38
CA ALA E 5 -9.28 -2.57 7.80
C ALA E 5 -9.43 -2.29 9.29
N ARG E 6 -8.39 -2.58 10.05
CA ARG E 6 -8.47 -2.45 11.51
C ARG E 6 -8.37 -1.04 12.07
N ASN E 7 -7.93 -0.08 11.25
CA ASN E 7 -7.80 1.29 11.68
C ASN E 7 -8.90 2.12 11.04
N GLN E 8 -9.83 2.56 11.88
CA GLN E 8 -11.00 3.35 11.42
C GLN E 8 -11.06 4.48 12.41
N LEU E 9 -10.57 5.63 11.97
CA LEU E 9 -10.45 6.79 12.83
C LEU E 9 -11.39 7.89 12.42
N LYS E 10 -12.37 8.18 13.27
CA LYS E 10 -13.34 9.23 12.98
C LYS E 10 -12.73 10.60 13.20
N GLY E 11 -13.03 11.50 12.30
CA GLY E 11 -12.52 12.84 12.47
C GLY E 11 -13.27 13.87 11.67
N LYS E 12 -12.80 15.10 11.77
CA LYS E 12 -13.43 16.19 11.04
C LYS E 12 -12.42 16.80 10.08
N VAL E 13 -12.88 17.21 8.92
CA VAL E 13 -11.99 17.82 7.93
C VAL E 13 -11.51 19.19 8.37
N VAL E 14 -10.19 19.34 8.44
CA VAL E 14 -9.59 20.61 8.81
C VAL E 14 -8.73 21.19 7.70
N GLY E 15 -8.55 20.43 6.62
CA GLY E 15 -7.77 20.92 5.49
C GLY E 15 -8.23 20.18 4.25
N LEU E 16 -8.29 20.88 3.12
CA LEU E 16 -8.71 20.29 1.86
C LEU E 16 -8.02 21.03 0.71
N LYS E 17 -7.30 20.28 -0.12
CA LYS E 17 -6.64 20.87 -1.27
C LYS E 17 -6.93 19.96 -2.46
N LYS E 18 -7.61 20.49 -3.47
CA LYS E 18 -7.96 19.69 -4.63
C LYS E 18 -6.96 19.82 -5.78
N GLY E 19 -6.67 18.68 -6.40
CA GLY E 19 -5.81 18.61 -7.59
C GLY E 19 -6.77 18.32 -8.74
N VAL E 20 -6.31 17.72 -9.84
CA VAL E 20 -7.24 17.38 -10.93
C VAL E 20 -7.64 15.91 -10.83
N VAL E 21 -6.70 15.09 -10.38
CA VAL E 21 -6.98 13.68 -10.25
C VAL E 21 -7.11 13.32 -8.76
N THR E 22 -6.39 14.00 -7.89
CA THR E 22 -6.50 13.65 -6.47
C THR E 22 -6.79 14.86 -5.62
N ALA E 23 -6.95 14.62 -4.34
CA ALA E 23 -7.17 15.69 -3.39
C ALA E 23 -6.47 15.30 -2.10
N GLU E 24 -6.05 16.29 -1.33
CA GLU E 24 -5.41 16.06 -0.04
C GLU E 24 -6.43 16.49 0.98
N VAL E 25 -6.73 15.58 1.91
CA VAL E 25 -7.71 15.85 2.96
C VAL E 25 -7.02 15.65 4.31
N VAL E 26 -7.15 16.63 5.19
CA VAL E 26 -6.57 16.52 6.52
C VAL E 26 -7.71 16.39 7.51
N LEU E 27 -7.67 15.33 8.29
CA LEU E 27 -8.68 15.08 9.31
C LEU E 27 -8.13 15.22 10.72
N GLU E 28 -8.85 15.94 11.59
CA GLU E 28 -8.45 16.01 12.99
C GLU E 28 -9.20 14.89 13.68
N ILE E 29 -8.50 13.94 14.30
CA ILE E 29 -9.20 12.85 14.97
C ILE E 29 -9.27 13.14 16.46
N ALA E 30 -9.85 12.22 17.23
CA ALA E 30 -9.94 12.43 18.67
C ALA E 30 -8.54 12.61 19.29
N GLY E 31 -8.50 13.29 20.41
CA GLY E 31 -7.23 13.47 21.09
C GLY E 31 -6.30 14.47 20.42
N GLY E 32 -6.79 15.17 19.40
CA GLY E 32 -6.03 16.19 18.72
C GLY E 32 -5.07 15.79 17.61
N ASN E 33 -4.95 14.50 17.32
CA ASN E 33 -4.06 14.08 16.25
C ASN E 33 -4.64 14.44 14.90
N LYS E 34 -3.78 14.65 13.91
CA LYS E 34 -4.24 14.91 12.55
C LYS E 34 -3.74 13.78 11.67
N ILE E 35 -4.53 13.47 10.67
CA ILE E 35 -4.11 12.48 9.70
C ILE E 35 -4.41 13.02 8.30
N THR E 36 -3.41 12.95 7.44
CA THR E 36 -3.52 13.47 6.08
C THR E 36 -3.67 12.32 5.11
N SER E 37 -4.60 12.50 4.17
CA SER E 37 -4.90 11.49 3.17
C SER E 37 -4.82 12.06 1.78
N ILE E 38 -4.34 11.27 0.83
CA ILE E 38 -4.37 11.70 -0.58
C ILE E 38 -5.27 10.68 -1.23
N ILE E 39 -6.40 11.15 -1.76
CA ILE E 39 -7.42 10.28 -2.36
C ILE E 39 -7.84 10.83 -3.70
N SER E 40 -8.67 10.08 -4.41
CA SER E 40 -9.10 10.56 -5.72
C SER E 40 -10.07 11.69 -5.54
N LEU E 41 -10.00 12.64 -6.48
CA LEU E 41 -10.89 13.76 -6.46
C LEU E 41 -12.33 13.25 -6.58
N ASP E 42 -12.53 12.16 -7.32
CA ASP E 42 -13.86 11.57 -7.49
C ASP E 42 -14.50 11.24 -6.14
N SER E 43 -13.72 10.68 -5.23
CA SER E 43 -14.19 10.33 -3.88
C SER E 43 -14.53 11.59 -3.11
N VAL E 44 -13.70 12.62 -3.22
CA VAL E 44 -13.99 13.87 -2.53
C VAL E 44 -15.36 14.38 -2.92
N GLU E 45 -15.66 14.30 -4.21
CA GLU E 45 -16.91 14.81 -4.70
C GLU E 45 -18.08 13.92 -4.28
N GLU E 46 -17.89 12.62 -4.32
CA GLU E 46 -18.95 11.68 -3.97
C GLU E 46 -19.35 11.73 -2.49
N LEU E 47 -18.39 12.00 -1.61
CA LEU E 47 -18.65 12.09 -0.18
C LEU E 47 -19.02 13.50 0.25
N GLY E 48 -18.90 14.46 -0.67
CA GLY E 48 -19.18 15.84 -0.36
C GLY E 48 -18.18 16.43 0.64
N VAL E 49 -16.92 16.03 0.54
CA VAL E 49 -15.87 16.50 1.45
C VAL E 49 -15.77 18.02 1.44
N LYS E 50 -15.76 18.61 2.61
CA LYS E 50 -15.65 20.05 2.77
C LYS E 50 -15.21 20.28 4.20
N GLU E 51 -14.73 21.49 4.51
CA GLU E 51 -14.28 21.80 5.87
C GLU E 51 -15.39 21.49 6.88
N GLY E 52 -15.01 20.83 7.97
CA GLY E 52 -15.96 20.48 9.01
C GLY E 52 -16.63 19.11 8.84
N ALA E 53 -16.55 18.53 7.65
CA ALA E 53 -17.21 17.25 7.46
C ALA E 53 -16.67 16.16 8.37
N GLU E 54 -17.58 15.35 8.88
CA GLU E 54 -17.23 14.22 9.72
C GLU E 54 -17.05 13.02 8.81
N LEU E 55 -15.83 12.48 8.79
CA LEU E 55 -15.51 11.35 7.93
C LEU E 55 -14.64 10.38 8.70
N THR E 56 -14.34 9.25 8.09
CA THR E 56 -13.51 8.25 8.74
C THR E 56 -12.26 7.93 7.92
N ALA E 57 -11.10 8.01 8.57
CA ALA E 57 -9.83 7.63 7.91
C ALA E 57 -9.69 6.13 8.11
N VAL E 58 -9.46 5.39 7.02
CA VAL E 58 -9.39 3.94 7.07
C VAL E 58 -8.06 3.47 6.53
N VAL E 59 -7.30 2.78 7.39
CA VAL E 59 -5.97 2.33 7.09
C VAL E 59 -5.75 0.85 7.37
N LYS E 60 -5.24 0.13 6.36
CA LYS E 60 -4.91 -1.28 6.54
C LYS E 60 -3.70 -1.41 7.49
N SER E 61 -3.75 -2.41 8.37
CA SER E 61 -2.66 -2.63 9.32
C SER E 61 -1.29 -2.78 8.67
N THR E 62 -1.22 -3.41 7.49
CA THR E 62 0.04 -3.60 6.80
C THR E 62 0.61 -2.30 6.24
N ASP E 63 -0.16 -1.20 6.33
CA ASP E 63 0.33 0.10 5.88
C ASP E 63 0.80 0.95 7.04
N VAL E 64 0.72 0.42 8.25
CA VAL E 64 1.17 1.20 9.41
C VAL E 64 2.59 0.82 9.79
N MET E 65 3.51 1.79 9.73
CA MET E 65 4.90 1.55 10.14
C MET E 65 5.04 1.94 11.59
N ILE E 66 6.06 1.40 12.26
CA ILE E 66 6.32 1.75 13.63
C ILE E 66 7.67 2.45 13.72
N LEU E 67 7.67 3.58 14.40
CA LEU E 67 8.90 4.35 14.64
C LEU E 67 9.23 4.28 16.13
N ALA E 68 10.45 3.86 16.44
CA ALA E 68 10.85 3.72 17.84
C ALA E 68 11.75 4.86 18.28
N SER F 2 14.51 4.55 15.19
CA SER F 2 14.44 4.10 13.77
C SER F 2 13.07 3.52 13.41
N ILE F 3 12.92 3.18 12.14
CA ILE F 3 11.63 2.77 11.61
C ILE F 3 11.56 1.31 11.16
N SER F 4 10.35 0.78 11.22
CA SER F 4 10.13 -0.62 10.89
C SER F 4 10.29 -0.99 9.43
N ALA F 5 10.07 -0.04 8.52
CA ALA F 5 10.19 -0.36 7.09
C ALA F 5 11.57 -0.92 6.80
N ARG F 6 11.62 -2.16 6.29
CA ARG F 6 12.89 -2.83 6.04
C ARG F 6 13.72 -2.33 4.86
N ASN F 7 13.10 -1.59 3.97
CA ASN F 7 13.78 -1.05 2.80
C ASN F 7 14.03 0.43 2.95
N GLN F 8 15.28 0.78 3.18
CA GLN F 8 15.70 2.17 3.38
C GLN F 8 16.88 2.34 2.44
N LEU F 9 16.61 2.99 1.31
CA LEU F 9 17.60 3.12 0.26
C LEU F 9 18.07 4.55 0.09
N LYS F 10 19.32 4.81 0.45
CA LYS F 10 19.85 6.16 0.31
C LYS F 10 20.11 6.50 -1.16
N GLY F 11 19.79 7.71 -1.55
CA GLY F 11 20.06 8.12 -2.91
C GLY F 11 20.05 9.62 -3.10
N LYS F 12 20.28 10.02 -4.34
CA LYS F 12 20.29 11.42 -4.66
C LYS F 12 19.18 11.72 -5.66
N VAL F 13 18.59 12.89 -5.53
CA VAL F 13 17.53 13.28 -6.44
C VAL F 13 18.04 13.55 -7.83
N VAL F 14 17.51 12.82 -8.81
CA VAL F 14 17.92 13.03 -10.20
C VAL F 14 16.76 13.46 -11.09
N GLY F 15 15.56 13.53 -10.51
CA GLY F 15 14.38 13.96 -11.24
C GLY F 15 13.37 14.48 -10.25
N LEU F 16 12.67 15.55 -10.62
CA LEU F 16 11.66 16.16 -9.77
C LEU F 16 10.59 16.83 -10.64
N LYS F 17 9.34 16.42 -10.44
CA LYS F 17 8.24 17.01 -11.17
C LYS F 17 7.12 17.27 -10.18
N LYS F 18 6.73 18.53 -10.03
CA LYS F 18 5.71 18.91 -9.06
C LYS F 18 4.32 19.05 -9.68
N GLY F 19 3.33 18.55 -8.97
CA GLY F 19 1.93 18.68 -9.35
C GLY F 19 1.35 19.70 -8.35
N VAL F 20 0.06 19.66 -8.04
CA VAL F 20 -0.48 20.58 -7.03
C VAL F 20 -0.63 19.87 -5.70
N VAL F 21 -0.99 18.59 -5.76
CA VAL F 21 -1.15 17.81 -4.56
C VAL F 21 0.05 16.88 -4.37
N THR F 22 0.60 16.37 -5.46
CA THR F 22 1.74 15.46 -5.30
C THR F 22 2.93 15.89 -6.10
N ALA F 23 3.97 15.11 -5.98
CA ALA F 23 5.19 15.37 -6.72
C ALA F 23 5.81 14.02 -7.04
N GLU F 24 6.54 13.96 -8.15
CA GLU F 24 7.25 12.74 -8.54
C GLU F 24 8.72 13.02 -8.30
N VAL F 25 9.39 12.16 -7.54
CA VAL F 25 10.79 12.32 -7.23
C VAL F 25 11.50 11.07 -7.68
N VAL F 26 12.60 11.23 -8.41
CA VAL F 26 13.38 10.09 -8.85
C VAL F 26 14.71 10.12 -8.13
N LEU F 27 15.03 9.04 -7.44
CA LEU F 27 16.29 8.94 -6.74
C LEU F 27 17.21 7.93 -7.38
N GLU F 28 18.49 8.27 -7.50
CA GLU F 28 19.47 7.31 -7.98
C GLU F 28 20.09 6.71 -6.73
N ILE F 29 19.98 5.39 -6.54
CA ILE F 29 20.56 4.78 -5.34
C ILE F 29 21.91 4.16 -5.68
N ALA F 30 22.54 3.50 -4.73
CA ALA F 30 23.84 2.88 -5.02
C ALA F 30 23.75 1.87 -6.17
N GLY F 31 24.89 1.62 -6.81
CA GLY F 31 24.93 0.66 -7.89
C GLY F 31 24.20 1.11 -9.14
N GLY F 32 23.76 2.37 -9.16
CA GLY F 32 23.09 2.95 -10.32
C GLY F 32 21.60 2.70 -10.52
N ASN F 33 20.94 2.01 -9.59
CA ASN F 33 19.51 1.79 -9.77
C ASN F 33 18.77 3.09 -9.51
N LYS F 34 17.60 3.24 -10.11
CA LYS F 34 16.79 4.41 -9.87
C LYS F 34 15.49 3.93 -9.24
N ILE F 35 14.97 4.75 -8.33
CA ILE F 35 13.66 4.48 -7.76
C ILE F 35 12.80 5.75 -7.82
N THR F 36 11.58 5.58 -8.30
CA THR F 36 10.66 6.68 -8.47
C THR F 36 9.58 6.64 -7.42
N SER F 37 9.31 7.81 -6.84
CA SER F 37 8.32 7.94 -5.80
C SER F 37 7.30 9.00 -6.12
N ILE F 38 6.04 8.78 -5.76
CA ILE F 38 5.01 9.82 -5.89
C ILE F 38 4.61 10.10 -4.44
N ILE F 39 4.85 11.33 -3.99
CA ILE F 39 4.61 11.75 -2.62
C ILE F 39 3.88 13.07 -2.58
N SER F 40 3.44 13.49 -1.41
CA SER F 40 2.72 14.75 -1.35
C SER F 40 3.65 15.91 -1.60
N LEU F 41 3.11 16.94 -2.22
CA LEU F 41 3.88 18.13 -2.51
C LEU F 41 4.36 18.75 -1.20
N ASP F 42 3.55 18.62 -0.15
CA ASP F 42 3.91 19.17 1.16
C ASP F 42 5.19 18.56 1.70
N SER F 43 5.38 17.26 1.48
CA SER F 43 6.60 16.59 1.93
C SER F 43 7.77 17.12 1.14
N VAL F 44 7.60 17.28 -0.17
CA VAL F 44 8.66 17.83 -1.00
C VAL F 44 9.16 19.15 -0.43
N GLU F 45 8.23 19.98 0.00
CA GLU F 45 8.59 21.29 0.50
C GLU F 45 9.24 21.22 1.87
N GLU F 46 8.74 20.36 2.73
CA GLU F 46 9.26 20.20 4.08
C GLU F 46 10.71 19.69 4.08
N LEU F 47 11.02 18.80 3.14
CA LEU F 47 12.36 18.19 3.05
C LEU F 47 13.32 19.01 2.20
N GLY F 48 12.79 20.00 1.51
CA GLY F 48 13.61 20.82 0.63
C GLY F 48 14.09 20.03 -0.57
N VAL F 49 13.26 19.12 -1.07
CA VAL F 49 13.63 18.30 -2.22
C VAL F 49 14.01 19.17 -3.43
N LYS F 50 15.16 18.88 -4.00
CA LYS F 50 15.65 19.60 -5.17
C LYS F 50 16.70 18.69 -5.79
N GLU F 51 17.06 18.94 -7.03
CA GLU F 51 18.07 18.11 -7.70
C GLU F 51 19.35 18.02 -6.86
N GLY F 52 19.87 16.81 -6.75
CA GLY F 52 21.09 16.56 -5.99
C GLY F 52 20.88 16.23 -4.52
N ALA F 53 19.68 16.49 -4.01
CA ALA F 53 19.46 16.25 -2.59
C ALA F 53 19.64 14.78 -2.24
N GLU F 54 20.26 14.56 -1.09
CA GLU F 54 20.47 13.21 -0.56
C GLU F 54 19.30 12.89 0.34
N LEU F 55 18.51 11.88 -0.07
CA LEU F 55 17.31 11.49 0.66
C LEU F 55 17.26 9.97 0.76
N THR F 56 16.27 9.44 1.48
CA THR F 56 16.13 8.01 1.62
C THR F 56 14.77 7.54 1.13
N ALA F 57 14.76 6.55 0.23
CA ALA F 57 13.51 5.95 -0.24
C ALA F 57 13.15 4.87 0.79
N VAL F 58 11.93 4.90 1.30
CA VAL F 58 11.50 3.98 2.37
C VAL F 58 10.27 3.20 1.90
N VAL F 59 10.43 1.88 1.85
CA VAL F 59 9.40 0.99 1.35
C VAL F 59 9.11 -0.17 2.29
N LYS F 60 7.83 -0.37 2.61
CA LYS F 60 7.41 -1.49 3.44
C LYS F 60 7.59 -2.78 2.63
N SER F 61 8.02 -3.85 3.30
CA SER F 61 8.22 -5.13 2.63
C SER F 61 6.98 -5.66 1.94
N THR F 62 5.80 -5.42 2.52
CA THR F 62 4.55 -5.90 1.91
C THR F 62 4.22 -5.15 0.62
N ASP F 63 4.96 -4.10 0.29
CA ASP F 63 4.73 -3.37 -0.97
C ASP F 63 5.72 -3.79 -2.04
N VAL F 64 6.61 -4.73 -1.73
CA VAL F 64 7.59 -5.16 -2.72
C VAL F 64 7.12 -6.43 -3.42
N MET F 65 6.90 -6.35 -4.73
CA MET F 65 6.51 -7.52 -5.50
C MET F 65 7.75 -8.17 -6.06
N ILE F 66 7.66 -9.47 -6.39
CA ILE F 66 8.78 -10.19 -6.97
C ILE F 66 8.39 -10.61 -8.39
N LEU F 67 9.28 -10.35 -9.32
CA LEU F 67 9.10 -10.73 -10.71
C LEU F 67 10.17 -11.78 -11.02
N ALA F 68 9.73 -12.95 -11.49
CA ALA F 68 10.64 -14.04 -11.80
C ALA F 68 10.93 -14.18 -13.28
CL CL G . -7.20 6.70 -4.17
CL CL H . -7.13 -22.70 7.73
MG MG I . -0.16 1.12 -0.68
CL CL J . 2.24 5.01 -9.20
CL CL K . 11.74 -21.38 5.69
CL CL L . 1.96 10.52 0.15
CL CL M . 3.22 -13.50 20.81
CL CL N . 0.09 -10.73 -3.63
MG MG O . 0.18 -1.82 1.05
CL CL P . -6.18 -4.42 8.38
CL CL Q . 8.62 -3.60 6.39
#